data_1CQ8
#
_entry.id   1CQ8
#
_cell.length_a   157.72
_cell.length_b   85.57
_cell.length_c   78.79
_cell.angle_alpha   90
_cell.angle_beta   90
_cell.angle_gamma   90
#
_symmetry.space_group_name_H-M   'C 2 2 21'
#
loop_
_entity.id
_entity.type
_entity.pdbx_description
1 polymer 'ASPARTATE AMINOTRANSFERASE (2.6.1.1)'
2 non-polymer '2-[O-PHOSPHONOPYRIDOXYL]-AMINO-HEXANOIC ACID'
3 water water
#
_entity_poly.entity_id   1
_entity_poly.type   'polypeptide(L)'
_entity_poly.pdbx_seq_one_letter_code
;MFENITAAPADPILGLADLFRADERPGKINLGIGVYKDETGKTPVLTSVKKAEQYLLENETTKNYLGIDGIPEFGRCTQE
LLFGKGSALINDKRARTAQTPGGTGALRVAADFLAKNTSVKRVWVSNPSWPNHKSVFNSAGLEVREYAYYDAENHTLDFD
ALINSLNEAQAGDVVLFHGCCHNPTGIDPTLEQWQTLAQLSVEKGWLPLFDFAYQGFARGLEEDAEGLRAFAAMHKELIV
ASSYSKNFGLYNERVGACTLVAADSETVDRAFSQMKAAIRANYSNPPAHGASVVATILSNDALRAIWEQELTDMRQRIQR
MRQLFVNTLQEKGANRDFSFIIKQNGMFSFSGLTKEQVLRLREEFGVYAVASGRVNVAGMTPDNMAPLCEAIVAVL
;
_entity_poly.pdbx_strand_id   A
#
loop_
_chem_comp.id
_chem_comp.type
_chem_comp.name
_chem_comp.formula
PY6 non-polymer '2-[O-PHOSPHONOPYRIDOXYL]-AMINO-HEXANOIC ACID' 'C14 H23 N2 O7 P'
#
# COMPACT_ATOMS: atom_id res chain seq x y z
N MET A 1 37.05 -1.54 -9.06
CA MET A 1 35.68 -1.87 -9.53
C MET A 1 34.70 -0.76 -9.19
N PHE A 2 34.85 -0.15 -8.02
CA PHE A 2 33.90 0.87 -7.56
C PHE A 2 34.28 2.34 -7.79
N GLU A 3 35.43 2.60 -8.42
CA GLU A 3 35.91 3.96 -8.68
C GLU A 3 35.01 4.83 -9.56
N ASN A 4 34.29 4.20 -10.49
CA ASN A 4 33.40 4.94 -11.38
C ASN A 4 31.95 4.92 -10.95
N ILE A 5 31.64 4.25 -9.85
CA ILE A 5 30.25 4.19 -9.43
C ILE A 5 29.72 5.57 -9.06
N THR A 6 28.64 5.93 -9.74
CA THR A 6 28.00 7.21 -9.53
C THR A 6 26.98 7.12 -8.40
N ALA A 7 26.91 8.18 -7.60
CA ALA A 7 26.00 8.26 -6.48
C ALA A 7 24.55 8.19 -6.94
N ALA A 8 23.79 7.28 -6.36
CA ALA A 8 22.39 7.11 -6.70
C ALA A 8 21.57 8.28 -6.15
N PRO A 9 20.49 8.65 -6.84
CA PRO A 9 19.64 9.75 -6.38
C PRO A 9 18.76 9.26 -5.25
N ALA A 10 18.42 10.16 -4.32
CA ALA A 10 17.60 9.80 -3.18
C ALA A 10 16.14 9.50 -3.54
N ASP A 11 15.52 8.59 -2.78
CA ASP A 11 14.11 8.24 -2.97
C ASP A 11 13.33 9.50 -2.57
N PRO A 12 12.34 9.91 -3.37
CA PRO A 12 11.58 11.11 -3.01
C PRO A 12 10.91 10.98 -1.64
N ILE A 13 10.57 9.74 -1.29
CA ILE A 13 9.91 9.41 -0.03
C ILE A 13 10.89 9.10 1.09
N LEU A 14 11.74 8.10 0.90
CA LEU A 14 12.70 7.72 1.92
C LEU A 14 13.83 8.70 2.15
N GLY A 15 14.29 9.38 1.11
CA GLY A 15 15.36 10.34 1.28
C GLY A 15 14.93 11.49 2.17
N LEU A 16 13.63 11.60 2.35
CA LEU A 16 13.01 12.63 3.17
C LEU A 16 13.28 12.40 4.66
N ALA A 17 13.30 11.14 5.07
CA ALA A 17 13.55 10.80 6.47
C ALA A 17 14.92 11.27 6.92
N ASP A 18 15.89 11.14 6.03
CA ASP A 18 17.26 11.58 6.32
C ASP A 18 17.31 13.06 6.59
N LEU A 19 16.79 13.83 5.63
CA LEU A 19 16.76 15.28 5.73
C LEU A 19 16.08 15.71 7.01
N PHE A 20 14.92 15.12 7.27
CA PHE A 20 14.14 15.45 8.45
C PHE A 20 14.93 15.26 9.73
N ARG A 21 15.57 14.11 9.87
CA ARG A 21 16.33 13.86 11.08
C ARG A 21 17.62 14.69 11.14
N ALA A 22 18.30 14.86 10.00
CA ALA A 22 19.53 15.64 9.96
C ALA A 22 19.23 17.11 10.20
N ASP A 23 17.97 17.49 10.00
CA ASP A 23 17.52 18.86 10.20
C ASP A 23 17.28 19.08 11.68
N GLU A 24 17.85 20.15 12.21
CA GLU A 24 17.65 20.48 13.62
C GLU A 24 16.30 21.20 13.66
N ARG A 25 16.17 22.24 14.48
CA ARG A 25 14.91 22.99 14.59
C ARG A 25 13.81 22.12 15.21
N PRO A 26 13.42 22.42 16.46
CA PRO A 26 12.39 21.72 17.24
C PRO A 26 11.02 21.61 16.56
N GLY A 27 10.47 22.76 16.17
CA GLY A 27 9.17 22.78 15.52
C GLY A 27 8.97 22.06 14.19
N LYS A 28 10.03 21.46 13.66
CA LYS A 28 9.97 20.75 12.38
C LYS A 28 8.84 19.72 12.36
N ILE A 29 8.06 19.72 11.28
CA ILE A 29 6.93 18.81 11.15
C ILE A 29 7.16 17.85 9.98
N ASN A 30 6.96 16.55 10.23
CA ASN A 30 7.16 15.51 9.23
C ASN A 30 5.87 14.93 8.67
N LEU A 31 5.57 15.26 7.42
CA LEU A 31 4.37 14.79 6.73
C LEU A 31 4.76 13.92 5.51
N GLY A 32 5.94 13.31 5.58
CA GLY A 32 6.42 12.48 4.49
C GLY A 32 5.89 11.06 4.36
N ILE A 33 6.61 10.09 4.93
CA ILE A 33 6.26 8.67 4.86
C ILE A 33 4.86 8.36 5.40
N GLY A 34 4.25 7.32 4.84
CA GLY A 34 2.93 6.91 5.27
C GLY A 34 3.03 6.01 6.48
N VAL A 35 3.26 6.63 7.61
CA VAL A 35 3.38 5.96 8.89
C VAL A 35 2.35 6.63 9.78
N TYR A 36 1.54 5.83 10.45
CA TYR A 36 0.51 6.36 11.32
C TYR A 36 1.09 7.03 12.56
N LYS A 37 0.36 8.01 13.07
CA LYS A 37 0.74 8.71 14.28
C LYS A 37 -0.51 8.93 15.10
N ASP A 38 -0.36 8.88 16.42
CA ASP A 38 -1.51 9.08 17.30
C ASP A 38 -1.51 10.55 17.72
N GLU A 39 -2.52 10.93 18.48
CA GLU A 39 -2.67 12.30 18.94
C GLU A 39 -1.44 12.93 19.58
N THR A 40 -0.50 12.11 20.03
CA THR A 40 0.70 12.63 20.68
C THR A 40 1.90 12.77 19.74
N GLY A 41 1.75 12.34 18.50
CA GLY A 41 2.85 12.44 17.55
C GLY A 41 3.79 11.25 17.62
N LYS A 42 3.31 10.15 18.17
CA LYS A 42 4.10 8.94 18.28
C LYS A 42 3.45 7.89 17.43
N THR A 43 4.23 6.93 17.01
CA THR A 43 3.74 5.82 16.21
C THR A 43 4.11 4.61 17.08
N PRO A 44 3.23 4.27 18.03
CA PRO A 44 3.41 3.16 18.96
C PRO A 44 3.12 1.78 18.41
N VAL A 45 3.55 0.76 19.14
CA VAL A 45 3.26 -0.60 18.73
C VAL A 45 1.89 -0.88 19.31
N LEU A 46 1.01 -1.48 18.51
CA LEU A 46 -0.34 -1.79 18.95
C LEU A 46 -0.36 -2.69 20.21
N THR A 47 -1.42 -2.57 21.01
CA THR A 47 -1.56 -3.37 22.22
C THR A 47 -1.74 -4.84 21.88
N SER A 48 -2.56 -5.09 20.86
CA SER A 48 -2.81 -6.46 20.40
C SER A 48 -1.48 -7.08 19.95
N VAL A 49 -0.63 -6.26 19.35
CA VAL A 49 0.68 -6.70 18.88
C VAL A 49 1.56 -7.06 20.07
N LYS A 50 1.53 -6.24 21.13
CA LYS A 50 2.32 -6.50 22.34
C LYS A 50 1.88 -7.79 22.98
N LYS A 51 0.57 -8.02 23.00
CA LYS A 51 0.02 -9.22 23.59
C LYS A 51 0.43 -10.49 22.84
N ALA A 52 0.39 -10.42 21.51
CA ALA A 52 0.78 -11.56 20.67
C ALA A 52 2.26 -11.84 20.85
N GLU A 53 3.06 -10.78 20.97
CA GLU A 53 4.50 -10.91 21.15
C GLU A 53 4.87 -11.58 22.47
N GLN A 54 4.11 -11.30 23.52
CA GLN A 54 4.39 -11.92 24.82
C GLN A 54 4.05 -13.39 24.71
N TYR A 55 2.95 -13.67 24.05
CA TYR A 55 2.50 -15.02 23.80
C TYR A 55 3.63 -15.81 23.13
N LEU A 56 4.24 -15.22 22.10
CA LEU A 56 5.33 -15.87 21.37
C LEU A 56 6.54 -16.08 22.25
N LEU A 57 6.90 -15.07 23.03
CA LEU A 57 8.06 -15.13 23.92
C LEU A 57 7.95 -16.35 24.84
N GLU A 58 6.75 -16.61 25.33
CA GLU A 58 6.58 -17.75 26.23
C GLU A 58 6.25 -19.06 25.55
N ASN A 59 5.67 -19.02 24.35
CA ASN A 59 5.33 -20.26 23.68
C ASN A 59 6.23 -20.72 22.53
N GLU A 60 7.19 -19.89 22.14
CA GLU A 60 8.09 -20.24 21.05
C GLU A 60 9.18 -21.20 21.51
N THR A 61 9.25 -22.35 20.86
CA THR A 61 10.21 -23.39 21.20
C THR A 61 11.44 -23.49 20.26
N THR A 62 11.37 -22.84 19.11
CA THR A 62 12.49 -22.90 18.16
C THR A 62 12.45 -21.77 17.14
N LYS A 63 13.60 -21.53 16.50
CA LYS A 63 13.73 -20.51 15.46
C LYS A 63 14.10 -21.21 14.15
N ASN A 64 13.83 -22.51 14.09
CA ASN A 64 14.13 -23.33 12.93
C ASN A 64 13.48 -22.76 11.68
N TYR A 65 14.15 -22.93 10.52
CA TYR A 65 13.66 -22.38 9.24
C TYR A 65 12.18 -22.54 8.99
N LEU A 66 11.61 -21.49 8.42
CA LEU A 66 10.18 -21.40 8.18
C LEU A 66 9.58 -22.00 6.91
N GLY A 67 10.38 -22.44 5.94
CA GLY A 67 9.77 -22.98 4.73
C GLY A 67 9.59 -21.84 3.73
N ILE A 68 9.90 -22.10 2.46
CA ILE A 68 9.83 -21.08 1.41
C ILE A 68 8.68 -20.10 1.46
N ASP A 69 7.48 -20.64 1.52
CA ASP A 69 6.28 -19.82 1.57
C ASP A 69 5.83 -19.30 2.95
N GLY A 70 6.63 -19.57 3.97
CA GLY A 70 6.32 -19.10 5.32
C GLY A 70 5.32 -19.90 6.14
N ILE A 71 4.63 -19.20 7.05
CA ILE A 71 3.64 -19.79 7.94
C ILE A 71 2.29 -20.03 7.25
N PRO A 72 1.81 -21.30 7.24
CA PRO A 72 0.56 -21.73 6.63
C PRO A 72 -0.67 -20.99 7.14
N GLU A 73 -0.86 -20.96 8.45
CA GLU A 73 -2.01 -20.26 9.01
C GLU A 73 -1.99 -18.81 8.58
N PHE A 74 -0.78 -18.26 8.46
CA PHE A 74 -0.61 -16.88 8.00
C PHE A 74 -1.23 -16.78 6.61
N GLY A 75 -0.85 -17.70 5.74
CA GLY A 75 -1.37 -17.73 4.37
C GLY A 75 -2.88 -17.91 4.30
N ARG A 76 -3.42 -18.77 5.14
CA ARG A 76 -4.86 -19.03 5.19
C ARG A 76 -5.62 -17.80 5.62
N CYS A 77 -5.13 -17.11 6.65
CA CYS A 77 -5.77 -15.90 7.16
C CYS A 77 -5.81 -14.75 6.16
N THR A 78 -4.70 -14.54 5.44
CA THR A 78 -4.62 -13.47 4.43
C THR A 78 -5.60 -13.71 3.29
N GLN A 79 -5.72 -14.96 2.84
CA GLN A 79 -6.65 -15.28 1.76
C GLN A 79 -8.08 -14.97 2.19
N GLU A 80 -8.40 -15.22 3.45
CA GLU A 80 -9.75 -14.93 3.94
C GLU A 80 -9.96 -13.43 4.07
N LEU A 81 -8.91 -12.71 4.43
CA LEU A 81 -9.01 -11.27 4.55
C LEU A 81 -9.27 -10.70 3.17
N LEU A 82 -8.55 -11.21 2.18
CA LEU A 82 -8.64 -10.76 0.79
C LEU A 82 -9.90 -11.18 0.02
N PHE A 83 -10.25 -12.46 0.11
CA PHE A 83 -11.39 -12.99 -0.65
C PHE A 83 -12.68 -13.30 0.11
N GLY A 84 -12.64 -13.25 1.44
CA GLY A 84 -13.83 -13.57 2.20
C GLY A 84 -13.80 -15.04 2.58
N LYS A 85 -14.47 -15.37 3.68
CA LYS A 85 -14.50 -16.73 4.22
C LYS A 85 -15.18 -17.76 3.32
N GLY A 86 -16.38 -17.44 2.83
CA GLY A 86 -17.08 -18.37 1.96
C GLY A 86 -16.26 -18.69 0.71
N SER A 87 -15.87 -17.62 0.00
CA SER A 87 -15.10 -17.65 -1.24
C SER A 87 -14.74 -18.98 -1.90
N ALA A 88 -15.13 -19.08 -3.16
CA ALA A 88 -14.87 -20.26 -3.97
C ALA A 88 -13.38 -20.38 -4.33
N LEU A 89 -12.65 -19.28 -4.28
CA LEU A 89 -11.21 -19.34 -4.58
C LEU A 89 -10.55 -20.20 -3.52
N ILE A 90 -11.07 -20.12 -2.30
CA ILE A 90 -10.53 -20.89 -1.20
C ILE A 90 -11.04 -22.32 -1.26
N ASN A 91 -12.33 -22.47 -1.51
CA ASN A 91 -12.96 -23.79 -1.60
C ASN A 91 -12.43 -24.64 -2.77
N ASP A 92 -12.07 -24.00 -3.87
CA ASP A 92 -11.55 -24.72 -5.03
C ASP A 92 -10.04 -24.83 -5.06
N LYS A 93 -9.39 -24.28 -4.04
CA LYS A 93 -7.94 -24.30 -3.92
C LYS A 93 -7.25 -23.71 -5.13
N ARG A 94 -7.80 -22.58 -5.57
CA ARG A 94 -7.30 -21.87 -6.73
C ARG A 94 -6.20 -20.86 -6.38
N ALA A 95 -6.02 -20.57 -5.10
CA ALA A 95 -5.01 -19.59 -4.68
C ALA A 95 -3.92 -20.15 -3.78
N ARG A 96 -2.71 -19.60 -3.92
CA ARG A 96 -1.59 -20.00 -3.10
C ARG A 96 -0.96 -18.72 -2.62
N THR A 97 -0.50 -18.70 -1.36
CA THR A 97 0.10 -17.50 -0.79
C THR A 97 1.49 -17.74 -0.25
N ALA A 98 2.38 -16.79 -0.50
CA ALA A 98 3.74 -16.85 0.00
C ALA A 98 3.89 -15.64 0.92
N GLN A 99 4.44 -15.87 2.11
CA GLN A 99 4.68 -14.82 3.09
C GLN A 99 5.92 -14.11 2.56
N THR A 100 5.96 -12.78 2.60
CA THR A 100 7.11 -12.04 2.08
C THR A 100 7.57 -10.88 2.95
N PRO A 101 8.80 -10.36 2.68
CA PRO A 101 9.32 -9.24 3.44
C PRO A 101 8.62 -7.95 3.01
N GLY A 102 7.40 -7.76 3.48
CA GLY A 102 6.66 -6.56 3.15
C GLY A 102 5.91 -6.64 1.85
N GLY A 103 5.19 -5.57 1.53
CA GLY A 103 4.44 -5.49 0.29
C GLY A 103 5.43 -5.22 -0.82
N THR A 104 6.54 -4.55 -0.50
CA THR A 104 7.57 -4.26 -1.48
C THR A 104 8.17 -5.57 -1.95
N GLY A 105 8.43 -6.48 -1.01
CA GLY A 105 8.99 -7.78 -1.33
C GLY A 105 8.02 -8.67 -2.09
N ALA A 106 6.73 -8.47 -1.85
CA ALA A 106 5.70 -9.24 -2.53
C ALA A 106 5.64 -8.79 -4.00
N LEU A 107 5.82 -7.49 -4.23
CA LEU A 107 5.84 -6.95 -5.59
C LEU A 107 7.08 -7.48 -6.33
N ARG A 108 8.24 -7.47 -5.68
CA ARG A 108 9.45 -7.97 -6.32
C ARG A 108 9.35 -9.43 -6.70
N VAL A 109 8.92 -10.31 -5.79
CA VAL A 109 8.84 -11.72 -6.13
C VAL A 109 7.80 -11.95 -7.21
N ALA A 110 6.82 -11.06 -7.29
CA ALA A 110 5.79 -11.16 -8.30
C ALA A 110 6.43 -10.81 -9.64
N ALA A 111 7.26 -9.78 -9.62
CA ALA A 111 7.96 -9.30 -10.80
C ALA A 111 8.94 -10.38 -11.28
N ASP A 112 9.75 -10.90 -10.36
CA ASP A 112 10.73 -11.95 -10.64
C ASP A 112 10.07 -13.19 -11.22
N PHE A 113 8.89 -13.50 -10.73
CA PHE A 113 8.11 -14.64 -11.18
C PHE A 113 7.68 -14.45 -12.63
N LEU A 114 6.98 -13.34 -12.89
CA LEU A 114 6.46 -13.00 -14.20
C LEU A 114 7.54 -12.89 -15.28
N ALA A 115 8.61 -12.19 -14.96
CA ALA A 115 9.70 -11.98 -15.89
C ALA A 115 10.45 -13.24 -16.24
N LYS A 116 10.26 -14.31 -15.48
CA LYS A 116 11.00 -15.52 -15.75
C LYS A 116 10.20 -16.73 -16.20
N ASN A 117 8.92 -16.77 -15.83
CA ASN A 117 8.07 -17.92 -16.18
C ASN A 117 6.87 -17.50 -16.98
N THR A 118 6.90 -16.28 -17.48
CA THR A 118 5.79 -15.72 -18.22
C THR A 118 6.31 -14.96 -19.44
N SER A 119 5.41 -14.61 -20.34
CA SER A 119 5.77 -13.87 -21.54
C SER A 119 5.48 -12.37 -21.40
N VAL A 120 5.26 -11.93 -20.16
CA VAL A 120 4.98 -10.52 -19.89
C VAL A 120 6.27 -9.77 -20.11
N LYS A 121 6.15 -8.56 -20.65
CA LYS A 121 7.28 -7.70 -20.92
C LYS A 121 6.98 -6.31 -20.38
N ARG A 122 5.69 -6.00 -20.21
CA ARG A 122 5.29 -4.68 -19.72
C ARG A 122 4.21 -4.65 -18.64
N VAL A 123 4.38 -3.73 -17.69
CA VAL A 123 3.46 -3.52 -16.57
C VAL A 123 2.91 -2.10 -16.62
N TRP A 124 1.60 -1.95 -16.47
CA TRP A 124 0.95 -0.64 -16.48
C TRP A 124 0.68 -0.15 -15.05
N VAL A 125 1.23 1.02 -14.72
CA VAL A 125 1.08 1.63 -13.41
C VAL A 125 0.41 3.00 -13.57
N SER A 126 -0.57 3.29 -12.74
CA SER A 126 -1.30 4.55 -12.80
C SER A 126 -0.40 5.75 -12.66
N ASN A 127 -0.91 6.88 -13.13
CA ASN A 127 -0.20 8.13 -13.05
C ASN A 127 -1.12 9.09 -12.28
N PRO A 128 -0.71 9.49 -11.06
CA PRO A 128 0.55 9.09 -10.43
C PRO A 128 0.36 7.80 -9.63
N SER A 129 1.45 7.34 -9.02
CA SER A 129 1.44 6.12 -8.22
C SER A 129 2.62 6.16 -7.23
N TRP A 130 2.79 5.07 -6.48
CA TRP A 130 3.88 4.97 -5.52
C TRP A 130 5.13 4.87 -6.40
N PRO A 131 6.03 5.87 -6.31
CA PRO A 131 7.28 5.99 -7.05
C PRO A 131 8.06 4.68 -7.16
N ASN A 132 8.10 3.93 -6.08
CA ASN A 132 8.85 2.70 -6.05
C ASN A 132 8.24 1.57 -6.88
N HIS A 133 7.07 1.79 -7.45
CA HIS A 133 6.47 0.77 -8.30
C HIS A 133 7.36 0.55 -9.52
N LYS A 134 7.74 1.64 -10.16
CA LYS A 134 8.58 1.61 -11.35
C LYS A 134 9.88 0.87 -11.10
N SER A 135 10.56 1.24 -10.03
CA SER A 135 11.84 0.64 -9.67
C SER A 135 11.81 -0.85 -9.46
N VAL A 136 10.80 -1.35 -8.76
CA VAL A 136 10.71 -2.78 -8.50
C VAL A 136 10.56 -3.52 -9.82
N PHE A 137 9.64 -3.05 -10.66
CA PHE A 137 9.41 -3.67 -11.95
C PHE A 137 10.62 -3.55 -12.88
N ASN A 138 11.23 -2.36 -12.93
CA ASN A 138 12.40 -2.18 -13.79
C ASN A 138 13.52 -3.11 -13.39
N SER A 139 13.64 -3.39 -12.09
CA SER A 139 14.69 -4.29 -11.60
C SER A 139 14.53 -5.73 -12.08
N ALA A 140 13.30 -6.11 -12.42
CA ALA A 140 13.02 -7.46 -12.89
C ALA A 140 13.08 -7.58 -14.41
N GLY A 141 13.36 -6.47 -15.09
CA GLY A 141 13.43 -6.49 -16.55
C GLY A 141 12.16 -6.08 -17.25
N LEU A 142 11.06 -5.90 -16.53
CA LEU A 142 9.82 -5.51 -17.17
C LEU A 142 9.85 -4.04 -17.49
N GLU A 143 8.99 -3.62 -18.39
CA GLU A 143 8.91 -2.23 -18.80
C GLU A 143 7.67 -1.63 -18.17
N VAL A 144 7.79 -0.38 -17.72
CA VAL A 144 6.67 0.29 -17.09
C VAL A 144 6.04 1.38 -17.95
N ARG A 145 4.77 1.19 -18.30
CA ARG A 145 4.02 2.17 -19.06
C ARG A 145 2.97 2.75 -18.11
N GLU A 146 2.52 3.97 -18.35
CA GLU A 146 1.54 4.60 -17.46
C GLU A 146 0.19 4.91 -18.03
N TYR A 147 -0.83 4.79 -17.19
CA TYR A 147 -2.18 5.13 -17.60
C TYR A 147 -2.64 6.35 -16.80
N ALA A 148 -3.54 7.14 -17.38
CA ALA A 148 -4.06 8.33 -16.73
C ALA A 148 -5.00 7.92 -15.61
N TYR A 149 -5.17 8.79 -14.62
CA TYR A 149 -5.98 8.47 -13.48
C TYR A 149 -6.61 9.68 -12.83
N TYR A 150 -5.76 10.58 -12.38
CA TYR A 150 -6.23 11.75 -11.66
C TYR A 150 -6.60 12.98 -12.48
N ASP A 151 -7.82 13.46 -12.25
CA ASP A 151 -8.29 14.67 -12.89
C ASP A 151 -7.91 15.73 -11.88
N ALA A 152 -6.77 16.37 -12.11
CA ALA A 152 -6.24 17.40 -11.22
C ALA A 152 -7.13 18.63 -11.03
N GLU A 153 -7.84 19.02 -12.08
CA GLU A 153 -8.70 20.19 -12.03
C GLU A 153 -9.90 19.99 -11.12
N ASN A 154 -10.68 18.93 -11.37
CA ASN A 154 -11.85 18.63 -10.56
C ASN A 154 -11.53 17.78 -9.33
N HIS A 155 -10.33 17.18 -9.31
CA HIS A 155 -9.87 16.32 -8.23
C HIS A 155 -10.71 15.06 -8.17
N THR A 156 -10.80 14.36 -9.29
CA THR A 156 -11.60 13.15 -9.33
C THR A 156 -10.88 12.10 -10.14
N LEU A 157 -11.51 10.94 -10.26
CA LEU A 157 -10.96 9.84 -11.03
C LEU A 157 -11.38 10.11 -12.47
N ASP A 158 -10.42 10.39 -13.34
CA ASP A 158 -10.71 10.65 -14.75
C ASP A 158 -10.86 9.28 -15.42
N PHE A 159 -12.02 8.66 -15.22
CA PHE A 159 -12.30 7.33 -15.76
C PHE A 159 -12.18 7.19 -17.27
N ASP A 160 -12.62 8.20 -18.00
CA ASP A 160 -12.52 8.16 -19.46
C ASP A 160 -11.05 8.05 -19.84
N ALA A 161 -10.26 9.00 -19.36
CA ALA A 161 -8.83 9.00 -19.63
C ALA A 161 -8.22 7.68 -19.17
N LEU A 162 -8.75 7.10 -18.09
CA LEU A 162 -8.24 5.83 -17.57
C LEU A 162 -8.50 4.75 -18.62
N ILE A 163 -9.76 4.61 -19.02
CA ILE A 163 -10.15 3.64 -20.02
C ILE A 163 -9.34 3.86 -21.30
N ASN A 164 -9.38 5.07 -21.82
CA ASN A 164 -8.66 5.44 -23.03
C ASN A 164 -7.17 5.17 -23.00
N SER A 165 -6.54 5.34 -21.83
CA SER A 165 -5.11 5.10 -21.72
C SER A 165 -4.86 3.60 -21.80
N LEU A 166 -5.64 2.84 -21.03
CA LEU A 166 -5.50 1.39 -20.99
C LEU A 166 -5.85 0.70 -22.29
N ASN A 167 -6.52 1.44 -23.18
CA ASN A 167 -6.90 0.92 -24.49
C ASN A 167 -5.64 0.59 -25.31
N GLU A 168 -4.50 1.07 -24.86
CA GLU A 168 -3.24 0.82 -25.56
C GLU A 168 -2.51 -0.41 -25.02
N ALA A 169 -3.06 -1.01 -23.98
CA ALA A 169 -2.47 -2.20 -23.37
C ALA A 169 -2.94 -3.46 -24.11
N GLN A 170 -2.00 -4.32 -24.47
CA GLN A 170 -2.34 -5.54 -25.19
C GLN A 170 -2.66 -6.70 -24.25
N ALA A 171 -3.12 -7.82 -24.83
CA ALA A 171 -3.45 -9.02 -24.09
C ALA A 171 -2.13 -9.65 -23.63
N GLY A 172 -2.08 -10.06 -22.36
CA GLY A 172 -0.86 -10.64 -21.84
C GLY A 172 -0.04 -9.59 -21.10
N ASP A 173 -0.61 -8.40 -20.99
CA ASP A 173 0.05 -7.30 -20.28
C ASP A 173 -0.48 -7.27 -18.85
N VAL A 174 0.34 -6.75 -17.94
CA VAL A 174 -0.03 -6.66 -16.53
C VAL A 174 -0.49 -5.24 -16.25
N VAL A 175 -1.62 -5.12 -15.58
CA VAL A 175 -2.13 -3.81 -15.20
C VAL A 175 -2.18 -3.82 -13.67
N LEU A 176 -1.51 -2.86 -13.04
CA LEU A 176 -1.44 -2.76 -11.58
C LEU A 176 -2.54 -1.86 -11.03
N PHE A 177 -3.35 -2.39 -10.12
CA PHE A 177 -4.44 -1.63 -9.46
C PHE A 177 -4.17 -1.51 -7.96
N HIS A 178 -4.45 -0.35 -7.38
CA HIS A 178 -4.31 -0.17 -5.93
C HIS A 178 -5.68 -0.59 -5.39
N GLY A 179 -5.71 -1.61 -4.54
CA GLY A 179 -6.97 -2.09 -3.98
C GLY A 179 -7.89 -1.06 -3.34
N CYS A 180 -7.31 -0.11 -2.60
CA CYS A 180 -8.06 0.97 -1.95
C CYS A 180 -7.01 1.95 -1.46
N CYS A 181 -7.43 3.17 -1.12
CA CYS A 181 -6.50 4.20 -0.63
C CYS A 181 -5.41 4.47 -1.65
N HIS A 182 -5.82 4.88 -2.85
CA HIS A 182 -4.86 5.13 -3.93
C HIS A 182 -3.76 6.05 -3.44
N ASN A 183 -2.53 5.60 -3.64
CA ASN A 183 -1.35 6.36 -3.29
C ASN A 183 -0.83 6.97 -4.60
N PRO A 184 -0.66 8.30 -4.67
CA PRO A 184 -0.89 9.32 -3.64
C PRO A 184 -2.17 10.14 -3.70
N THR A 185 -3.09 9.82 -4.60
CA THR A 185 -4.31 10.63 -4.75
C THR A 185 -5.41 10.44 -3.71
N GLY A 186 -5.56 9.24 -3.18
CA GLY A 186 -6.60 9.00 -2.21
C GLY A 186 -7.94 8.75 -2.87
N ILE A 187 -8.02 8.94 -4.19
CA ILE A 187 -9.27 8.71 -4.94
C ILE A 187 -9.33 7.25 -5.41
N ASP A 188 -10.48 6.61 -5.24
CA ASP A 188 -10.66 5.21 -5.61
C ASP A 188 -11.88 5.03 -6.50
N PRO A 189 -11.88 3.98 -7.32
CA PRO A 189 -13.03 3.74 -8.19
C PRO A 189 -14.19 3.26 -7.33
N THR A 190 -15.41 3.51 -7.78
CA THR A 190 -16.59 3.07 -7.06
C THR A 190 -16.71 1.57 -7.37
N LEU A 191 -17.71 0.89 -6.82
CA LEU A 191 -17.86 -0.53 -7.11
C LEU A 191 -18.27 -0.71 -8.57
N GLU A 192 -19.03 0.25 -9.07
CA GLU A 192 -19.47 0.22 -10.46
C GLU A 192 -18.23 0.23 -11.35
N GLN A 193 -17.40 1.25 -11.17
CA GLN A 193 -16.19 1.36 -11.94
C GLN A 193 -15.31 0.14 -11.76
N TRP A 194 -15.33 -0.45 -10.56
CA TRP A 194 -14.51 -1.64 -10.33
C TRP A 194 -15.03 -2.79 -11.18
N GLN A 195 -16.34 -2.93 -11.27
CA GLN A 195 -16.93 -3.99 -12.09
C GLN A 195 -16.70 -3.74 -13.57
N THR A 196 -16.73 -2.46 -13.95
CA THR A 196 -16.51 -2.06 -15.33
C THR A 196 -15.07 -2.41 -15.70
N LEU A 197 -14.14 -2.08 -14.81
CA LEU A 197 -12.73 -2.37 -15.05
C LEU A 197 -12.53 -3.88 -15.12
N ALA A 198 -13.35 -4.62 -14.39
CA ALA A 198 -13.26 -6.09 -14.38
C ALA A 198 -13.70 -6.67 -15.72
N GLN A 199 -14.79 -6.12 -16.25
CA GLN A 199 -15.37 -6.52 -17.53
C GLN A 199 -14.36 -6.27 -18.64
N LEU A 200 -13.91 -5.03 -18.74
CA LEU A 200 -12.95 -4.62 -19.73
C LEU A 200 -11.72 -5.53 -19.66
N SER A 201 -11.16 -5.68 -18.47
CA SER A 201 -9.98 -6.50 -18.24
C SER A 201 -10.09 -7.94 -18.74
N VAL A 202 -11.24 -8.58 -18.55
CA VAL A 202 -11.38 -9.97 -19.03
C VAL A 202 -11.50 -10.05 -20.54
N GLU A 203 -11.89 -8.94 -21.17
CA GLU A 203 -12.01 -8.89 -22.62
C GLU A 203 -10.70 -8.53 -23.32
N LYS A 204 -9.88 -7.74 -22.65
CA LYS A 204 -8.60 -7.31 -23.22
C LYS A 204 -7.49 -8.29 -22.93
N GLY A 205 -7.78 -9.27 -22.08
CA GLY A 205 -6.78 -10.26 -21.74
C GLY A 205 -5.64 -9.76 -20.87
N TRP A 206 -5.93 -8.81 -19.98
CA TRP A 206 -4.92 -8.27 -19.07
C TRP A 206 -4.80 -9.15 -17.84
N LEU A 207 -3.64 -9.13 -17.19
CA LEU A 207 -3.39 -9.90 -15.97
C LEU A 207 -3.44 -8.86 -14.86
N PRO A 208 -4.47 -8.92 -13.99
CA PRO A 208 -4.53 -7.92 -12.92
C PRO A 208 -3.56 -8.23 -11.80
N LEU A 209 -2.89 -7.20 -11.33
CA LEU A 209 -1.93 -7.30 -10.23
C LEU A 209 -2.38 -6.23 -9.25
N PHE A 210 -2.99 -6.64 -8.14
CA PHE A 210 -3.48 -5.70 -7.13
C PHE A 210 -2.43 -5.45 -6.06
N ASP A 211 -2.28 -4.20 -5.65
CA ASP A 211 -1.35 -3.81 -4.60
C ASP A 211 -2.25 -3.37 -3.46
N PHE A 212 -2.27 -4.16 -2.38
CA PHE A 212 -3.09 -3.88 -1.22
C PHE A 212 -2.19 -3.58 -0.02
N ALA A 213 -2.01 -2.32 0.31
CA ALA A 213 -1.14 -1.96 1.43
C ALA A 213 -1.89 -1.25 2.54
N TYR A 214 -3.15 -0.92 2.28
CA TYR A 214 -3.97 -0.20 3.23
C TYR A 214 -5.36 -0.81 3.44
N GLN A 215 -5.47 -2.14 3.52
CA GLN A 215 -6.81 -2.71 3.71
C GLN A 215 -7.31 -2.35 5.11
N GLY A 216 -8.51 -1.78 5.16
CA GLY A 216 -9.09 -1.37 6.42
C GLY A 216 -9.01 0.12 6.70
N PHE A 217 -8.26 0.85 5.89
CA PHE A 217 -8.12 2.28 6.09
C PHE A 217 -9.07 3.20 5.33
N ALA A 218 -9.85 2.64 4.40
CA ALA A 218 -10.79 3.47 3.65
C ALA A 218 -12.17 3.47 4.31
N ARG A 219 -12.85 2.32 4.23
CA ARG A 219 -14.17 2.16 4.81
C ARG A 219 -14.10 1.08 5.89
N GLY A 220 -13.48 -0.04 5.55
CA GLY A 220 -13.35 -1.13 6.50
C GLY A 220 -12.67 -2.31 5.85
N LEU A 221 -12.33 -3.31 6.64
CA LEU A 221 -11.67 -4.50 6.15
C LEU A 221 -12.35 -5.10 4.93
N GLU A 222 -13.59 -5.53 5.11
CA GLU A 222 -14.35 -6.17 4.04
C GLU A 222 -14.67 -5.26 2.86
N GLU A 223 -15.18 -4.07 3.16
CA GLU A 223 -15.55 -3.11 2.13
C GLU A 223 -14.37 -2.74 1.24
N ASP A 224 -13.19 -2.66 1.83
CA ASP A 224 -11.98 -2.30 1.10
C ASP A 224 -11.54 -3.40 0.13
N ALA A 225 -12.08 -4.59 0.25
CA ALA A 225 -11.70 -5.67 -0.65
C ALA A 225 -12.75 -5.91 -1.73
N GLU A 226 -13.75 -5.04 -1.78
CA GLU A 226 -14.84 -5.12 -2.76
C GLU A 226 -14.38 -5.08 -4.22
N GLY A 227 -13.42 -4.20 -4.51
CA GLY A 227 -12.91 -4.10 -5.87
C GLY A 227 -12.22 -5.39 -6.26
N LEU A 228 -11.27 -5.79 -5.44
CA LEU A 228 -10.51 -7.02 -5.64
C LEU A 228 -11.44 -8.22 -5.81
N ARG A 229 -12.41 -8.36 -4.92
CA ARG A 229 -13.34 -9.48 -4.97
C ARG A 229 -14.19 -9.49 -6.25
N ALA A 230 -14.43 -8.32 -6.82
CA ALA A 230 -15.21 -8.24 -8.05
C ALA A 230 -14.39 -8.82 -9.20
N PHE A 231 -13.09 -8.52 -9.20
CA PHE A 231 -12.19 -9.02 -10.22
C PHE A 231 -12.07 -10.52 -10.09
N ALA A 232 -11.83 -10.97 -8.86
CA ALA A 232 -11.66 -12.39 -8.57
C ALA A 232 -12.87 -13.24 -8.92
N ALA A 233 -14.03 -12.60 -8.98
CA ALA A 233 -15.24 -13.33 -9.33
C ALA A 233 -15.22 -13.66 -10.84
N MET A 234 -14.59 -12.78 -11.61
CA MET A 234 -14.53 -12.95 -13.07
C MET A 234 -13.20 -13.41 -13.65
N HIS A 235 -12.10 -13.23 -12.94
CA HIS A 235 -10.83 -13.66 -13.51
C HIS A 235 -10.43 -15.04 -13.10
N LYS A 236 -9.76 -15.73 -14.03
CA LYS A 236 -9.25 -17.08 -13.80
C LYS A 236 -7.84 -16.98 -13.22
N GLU A 237 -7.17 -15.85 -13.45
CA GLU A 237 -5.81 -15.65 -12.94
C GLU A 237 -5.60 -14.21 -12.47
N LEU A 238 -4.93 -14.05 -11.33
CA LEU A 238 -4.62 -12.73 -10.77
C LEU A 238 -3.56 -12.87 -9.68
N ILE A 239 -2.81 -11.80 -9.47
CA ILE A 239 -1.78 -11.77 -8.46
C ILE A 239 -2.08 -10.62 -7.53
N VAL A 240 -1.87 -10.84 -6.23
CA VAL A 240 -2.10 -9.77 -5.28
C VAL A 240 -0.97 -9.69 -4.28
N ALA A 241 -0.42 -8.50 -4.16
CA ALA A 241 0.66 -8.22 -3.23
C ALA A 241 0.03 -7.39 -2.11
N SER A 242 -0.07 -7.96 -0.91
CA SER A 242 -0.67 -7.24 0.21
C SER A 242 0.33 -6.98 1.33
N SER A 243 0.02 -6.03 2.20
CA SER A 243 0.90 -5.67 3.29
C SER A 243 0.18 -5.53 4.62
N TYR A 244 0.92 -5.78 5.71
CA TYR A 244 0.40 -5.67 7.07
C TYR A 244 1.19 -4.63 7.84
N SER A 245 1.88 -3.76 7.11
CA SER A 245 2.70 -2.72 7.69
C SER A 245 1.91 -1.59 8.32
N LYS A 246 0.82 -1.20 7.69
CA LYS A 246 0.02 -0.09 8.22
C LYS A 246 -1.13 -0.53 9.11
N ASN A 247 -1.95 -1.48 8.64
CA ASN A 247 -3.09 -1.93 9.42
C ASN A 247 -2.73 -2.73 10.66
N PHE A 248 -1.45 -3.03 10.84
CA PHE A 248 -0.98 -3.79 12.00
C PHE A 248 0.19 -3.06 12.66
N GLY A 249 0.54 -1.88 12.14
CA GLY A 249 1.65 -1.11 12.68
C GLY A 249 2.94 -1.89 12.78
N LEU A 250 3.12 -2.87 11.89
CA LEU A 250 4.30 -3.73 11.87
C LEU A 250 5.35 -3.31 10.82
N TYR A 251 5.42 -2.01 10.55
CA TYR A 251 6.33 -1.44 9.57
C TYR A 251 7.69 -2.12 9.45
N ASN A 252 8.48 -2.09 10.51
CA ASN A 252 9.83 -2.67 10.47
C ASN A 252 10.03 -4.16 10.57
N GLU A 253 8.95 -4.91 10.63
CA GLU A 253 9.09 -6.36 10.74
C GLU A 253 8.92 -7.05 9.39
N ARG A 254 8.55 -6.26 8.38
CA ARG A 254 8.38 -6.70 6.99
C ARG A 254 7.44 -7.88 6.85
N VAL A 255 6.16 -7.56 6.94
CA VAL A 255 5.12 -8.58 6.86
C VAL A 255 4.25 -8.25 5.66
N GLY A 256 4.19 -9.17 4.70
CA GLY A 256 3.39 -8.95 3.51
C GLY A 256 3.11 -10.31 2.89
N ALA A 257 2.42 -10.31 1.76
CA ALA A 257 2.10 -11.58 1.14
C ALA A 257 1.85 -11.46 -0.35
N CYS A 258 2.24 -12.50 -1.08
CA CYS A 258 2.02 -12.53 -2.51
C CYS A 258 1.07 -13.68 -2.79
N THR A 259 -0.15 -13.35 -3.16
CA THR A 259 -1.16 -14.36 -3.46
C THR A 259 -1.35 -14.58 -4.97
N LEU A 260 -1.15 -15.83 -5.37
CA LEU A 260 -1.25 -16.29 -6.75
C LEU A 260 -2.56 -17.01 -6.99
N VAL A 261 -3.31 -16.60 -8.01
CA VAL A 261 -4.59 -17.24 -8.33
C VAL A 261 -4.57 -17.77 -9.77
N ALA A 262 -4.96 -19.04 -9.95
CA ALA A 262 -5.01 -19.65 -11.28
C ALA A 262 -6.37 -20.30 -11.50
N ALA A 263 -6.60 -20.88 -12.67
CA ALA A 263 -7.89 -21.49 -12.96
C ALA A 263 -8.29 -22.65 -12.05
N ASP A 264 -7.30 -23.44 -11.62
CA ASP A 264 -7.54 -24.61 -10.76
C ASP A 264 -6.32 -24.91 -9.89
N SER A 265 -6.47 -25.84 -8.95
CA SER A 265 -5.40 -26.17 -8.03
C SER A 265 -4.15 -26.71 -8.70
N GLU A 266 -4.33 -27.64 -9.63
CA GLU A 266 -3.22 -28.25 -10.33
C GLU A 266 -2.31 -27.20 -11.00
N THR A 267 -2.91 -26.24 -11.68
CA THR A 267 -2.17 -25.17 -12.35
C THR A 267 -1.49 -24.26 -11.37
N VAL A 268 -2.23 -23.75 -10.39
CA VAL A 268 -1.64 -22.84 -9.40
C VAL A 268 -0.50 -23.49 -8.66
N ASP A 269 -0.58 -24.81 -8.46
CA ASP A 269 0.48 -25.55 -7.78
C ASP A 269 1.74 -25.47 -8.63
N ARG A 270 1.60 -25.69 -9.94
CA ARG A 270 2.71 -25.64 -10.88
C ARG A 270 3.30 -24.26 -10.96
N ALA A 271 2.42 -23.27 -11.07
CA ALA A 271 2.84 -21.88 -11.14
C ALA A 271 3.53 -21.46 -9.85
N PHE A 272 2.97 -21.88 -8.71
CA PHE A 272 3.52 -21.54 -7.41
C PHE A 272 4.92 -22.09 -7.16
N SER A 273 5.17 -23.32 -7.61
CA SER A 273 6.49 -23.93 -7.42
C SER A 273 7.57 -23.04 -8.04
N GLN A 274 7.24 -22.35 -9.13
CA GLN A 274 8.18 -21.45 -9.80
C GLN A 274 8.34 -20.18 -8.97
N MET A 275 7.26 -19.76 -8.31
CA MET A 275 7.30 -18.58 -7.47
C MET A 275 8.21 -18.86 -6.30
N LYS A 276 8.10 -20.05 -5.75
CA LYS A 276 8.94 -20.45 -4.62
C LYS A 276 10.38 -20.50 -5.09
N ALA A 277 10.57 -20.82 -6.36
CA ALA A 277 11.92 -20.86 -6.93
C ALA A 277 12.48 -19.44 -6.98
N ALA A 278 11.62 -18.45 -7.20
CA ALA A 278 12.03 -17.05 -7.26
C ALA A 278 12.39 -16.48 -5.87
N ILE A 279 11.73 -17.01 -4.84
CA ILE A 279 11.96 -16.59 -3.46
C ILE A 279 13.29 -17.18 -2.98
N ARG A 280 13.54 -18.43 -3.35
CA ARG A 280 14.76 -19.15 -2.98
C ARG A 280 16.04 -18.50 -3.48
N ALA A 281 15.96 -17.88 -4.64
CA ALA A 281 17.14 -17.21 -5.19
C ALA A 281 17.26 -15.79 -4.68
N ASN A 282 16.24 -15.35 -3.95
CA ASN A 282 16.24 -14.02 -3.39
C ASN A 282 16.60 -14.11 -1.91
N TYR A 283 15.68 -14.56 -1.06
CA TYR A 283 15.96 -14.63 0.38
C TYR A 283 15.80 -15.96 1.12
N SER A 284 15.48 -17.04 0.40
CA SER A 284 15.29 -18.38 1.01
C SER A 284 13.92 -18.66 1.60
N ASN A 285 13.65 -18.03 2.73
CA ASN A 285 12.39 -18.18 3.45
C ASN A 285 12.16 -16.85 4.17
N PRO A 286 10.91 -16.53 4.52
CA PRO A 286 10.65 -15.25 5.17
C PRO A 286 10.85 -15.16 6.68
N PRO A 287 10.98 -13.92 7.20
CA PRO A 287 11.17 -13.60 8.63
C PRO A 287 9.90 -13.94 9.40
N ALA A 288 10.05 -14.81 10.39
CA ALA A 288 8.89 -15.26 11.17
C ALA A 288 8.16 -14.29 12.12
N HIS A 289 8.91 -13.52 12.92
CA HIS A 289 8.30 -12.64 13.90
C HIS A 289 7.03 -11.87 13.55
N GLY A 290 7.13 -10.88 12.68
CA GLY A 290 5.95 -10.10 12.32
C GLY A 290 4.80 -10.92 11.80
N ALA A 291 5.11 -12.00 11.09
CA ALA A 291 4.06 -12.86 10.53
C ALA A 291 3.41 -13.75 11.58
N SER A 292 4.20 -14.18 12.56
CA SER A 292 3.69 -15.00 13.65
C SER A 292 2.74 -14.13 14.46
N VAL A 293 3.06 -12.85 14.57
CA VAL A 293 2.22 -11.91 15.29
C VAL A 293 0.88 -11.83 14.59
N VAL A 294 0.92 -11.63 13.27
CA VAL A 294 -0.33 -11.51 12.50
C VAL A 294 -1.18 -12.77 12.55
N ALA A 295 -0.56 -13.92 12.40
CA ALA A 295 -1.30 -15.18 12.45
C ALA A 295 -1.92 -15.42 13.85
N THR A 296 -1.16 -15.11 14.92
CA THR A 296 -1.66 -15.33 16.27
C THR A 296 -2.81 -14.39 16.62
N ILE A 297 -2.72 -13.15 16.16
CA ILE A 297 -3.78 -12.20 16.44
C ILE A 297 -5.03 -12.59 15.67
N LEU A 298 -4.87 -13.00 14.43
CA LEU A 298 -5.99 -13.39 13.58
C LEU A 298 -6.63 -14.73 13.95
N SER A 299 -5.84 -15.66 14.46
CA SER A 299 -6.35 -16.98 14.87
C SER A 299 -7.04 -16.94 16.24
N ASN A 300 -6.96 -15.80 16.94
CA ASN A 300 -7.52 -15.67 18.28
C ASN A 300 -8.67 -14.66 18.41
N ASP A 301 -9.83 -15.15 18.80
CA ASP A 301 -11.02 -14.34 19.00
C ASP A 301 -10.81 -13.03 19.73
N ALA A 302 -10.27 -13.11 20.94
CA ALA A 302 -10.03 -11.93 21.77
C ALA A 302 -9.04 -10.94 21.19
N LEU A 303 -7.88 -11.44 20.77
CA LEU A 303 -6.83 -10.63 20.17
C LEU A 303 -7.31 -9.95 18.89
N ARG A 304 -7.99 -10.69 18.02
CA ARG A 304 -8.50 -10.11 16.78
C ARG A 304 -9.45 -8.98 17.09
N ALA A 305 -10.37 -9.21 18.02
CA ALA A 305 -11.34 -8.18 18.41
C ALA A 305 -10.67 -6.89 18.88
N ILE A 306 -9.60 -7.03 19.67
CA ILE A 306 -8.86 -5.88 20.16
C ILE A 306 -8.18 -5.18 18.97
N TRP A 307 -7.60 -5.97 18.08
CA TRP A 307 -6.93 -5.44 16.92
C TRP A 307 -7.90 -4.68 16.01
N GLU A 308 -9.06 -5.26 15.76
CA GLU A 308 -10.03 -4.63 14.89
C GLU A 308 -10.45 -3.27 15.42
N GLN A 309 -10.49 -3.13 16.75
CA GLN A 309 -10.88 -1.86 17.34
C GLN A 309 -9.76 -0.84 17.21
N GLU A 310 -8.52 -1.28 17.43
CA GLU A 310 -7.38 -0.39 17.31
C GLU A 310 -7.32 0.14 15.88
N LEU A 311 -7.62 -0.74 14.93
CA LEU A 311 -7.62 -0.36 13.53
C LEU A 311 -8.70 0.68 13.24
N THR A 312 -9.93 0.47 13.70
CA THR A 312 -10.96 1.48 13.44
C THR A 312 -10.68 2.79 14.14
N ASP A 313 -9.87 2.77 15.20
CA ASP A 313 -9.55 4.02 15.89
C ASP A 313 -8.56 4.83 15.06
N MET A 314 -7.64 4.14 14.40
CA MET A 314 -6.65 4.78 13.54
C MET A 314 -7.38 5.42 12.36
N ARG A 315 -8.25 4.64 11.73
CA ARG A 315 -9.00 5.14 10.59
C ARG A 315 -9.76 6.40 10.97
N GLN A 316 -10.50 6.33 12.06
CA GLN A 316 -11.29 7.46 12.53
C GLN A 316 -10.47 8.66 12.93
N ARG A 317 -9.29 8.46 13.50
CA ARG A 317 -8.48 9.61 13.89
C ARG A 317 -8.02 10.36 12.65
N ILE A 318 -7.61 9.62 11.64
CA ILE A 318 -7.16 10.24 10.40
C ILE A 318 -8.33 11.05 9.88
N GLN A 319 -9.50 10.43 9.81
CA GLN A 319 -10.69 11.10 9.31
C GLN A 319 -11.03 12.40 10.03
N ARG A 320 -10.64 12.49 11.30
CA ARG A 320 -10.90 13.70 12.08
C ARG A 320 -9.83 14.73 11.73
N MET A 321 -8.62 14.24 11.50
CA MET A 321 -7.48 15.08 11.16
C MET A 321 -7.62 15.78 9.81
N ARG A 322 -8.15 15.10 8.80
CA ARG A 322 -8.30 15.77 7.51
C ARG A 322 -9.40 16.82 7.55
N GLN A 323 -10.46 16.55 8.33
CA GLN A 323 -11.57 17.49 8.50
C GLN A 323 -11.05 18.73 9.22
N LEU A 324 -10.27 18.52 10.26
CA LEU A 324 -9.68 19.61 11.03
C LEU A 324 -8.73 20.40 10.12
N PHE A 325 -8.01 19.68 9.26
CA PHE A 325 -7.06 20.26 8.31
C PHE A 325 -7.74 21.26 7.38
N VAL A 326 -8.83 20.83 6.77
CA VAL A 326 -9.58 21.68 5.86
C VAL A 326 -10.11 22.93 6.57
N ASN A 327 -10.67 22.73 7.76
CA ASN A 327 -11.25 23.83 8.54
C ASN A 327 -10.23 24.86 9.00
N THR A 328 -9.12 24.39 9.54
CA THR A 328 -8.06 25.25 10.03
C THR A 328 -7.40 26.04 8.88
N LEU A 329 -7.42 25.47 7.66
CA LEU A 329 -6.84 26.14 6.49
C LEU A 329 -7.71 27.34 6.15
N GLN A 330 -9.02 27.13 6.18
CA GLN A 330 -10.00 28.17 5.91
C GLN A 330 -9.92 29.25 7.01
N GLU A 331 -9.90 28.77 8.24
CA GLU A 331 -9.82 29.61 9.44
C GLU A 331 -8.52 30.44 9.43
N LYS A 332 -7.44 29.82 8.99
CA LYS A 332 -6.13 30.47 8.95
C LYS A 332 -5.92 31.49 7.83
N GLY A 333 -6.72 31.42 6.77
CA GLY A 333 -6.56 32.38 5.68
C GLY A 333 -6.18 31.90 4.29
N ALA A 334 -6.23 30.58 4.08
CA ALA A 334 -5.90 30.02 2.78
C ALA A 334 -6.98 30.48 1.80
N ASN A 335 -6.54 30.98 0.66
CA ASN A 335 -7.46 31.46 -0.37
C ASN A 335 -8.18 30.34 -1.09
N ARG A 336 -7.41 29.37 -1.55
CA ARG A 336 -7.92 28.22 -2.29
C ARG A 336 -8.87 27.43 -1.42
N ASP A 337 -9.73 26.64 -2.05
CA ASP A 337 -10.66 25.81 -1.30
C ASP A 337 -10.11 24.39 -1.35
N PHE A 338 -9.82 23.84 -0.16
CA PHE A 338 -9.26 22.49 -0.03
C PHE A 338 -10.29 21.45 0.42
N SER A 339 -11.58 21.70 0.17
CA SER A 339 -12.61 20.75 0.59
C SER A 339 -12.50 19.34 0.00
N PHE A 340 -11.85 19.23 -1.16
CA PHE A 340 -11.67 17.94 -1.81
C PHE A 340 -10.82 16.98 -0.97
N ILE A 341 -10.04 17.52 -0.04
CA ILE A 341 -9.20 16.71 0.84
C ILE A 341 -10.10 15.74 1.60
N ILE A 342 -11.24 16.24 2.03
CA ILE A 342 -12.20 15.44 2.79
C ILE A 342 -12.73 14.23 2.01
N LYS A 343 -12.63 14.29 0.67
CA LYS A 343 -13.12 13.22 -0.20
C LYS A 343 -12.15 12.05 -0.40
N GLN A 344 -10.88 12.25 -0.05
CA GLN A 344 -9.84 11.24 -0.21
C GLN A 344 -9.79 10.22 0.92
N ASN A 345 -9.22 9.04 0.66
CA ASN A 345 -9.14 7.97 1.65
C ASN A 345 -7.71 7.61 1.95
N GLY A 346 -7.52 6.93 3.07
CA GLY A 346 -6.18 6.52 3.46
C GLY A 346 -5.47 7.56 4.30
N MET A 347 -4.16 7.39 4.44
CA MET A 347 -3.33 8.27 5.23
C MET A 347 -2.96 9.59 4.58
N PHE A 348 -3.04 9.67 3.26
CA PHE A 348 -2.60 10.88 2.57
C PHE A 348 -3.65 11.81 2.02
N SER A 349 -3.15 12.81 1.29
CA SER A 349 -3.96 13.79 0.61
C SER A 349 -3.02 14.45 -0.38
N PHE A 350 -3.48 14.58 -1.61
CA PHE A 350 -2.68 15.21 -2.65
C PHE A 350 -3.01 16.69 -2.48
N SER A 351 -2.20 17.40 -1.69
CA SER A 351 -2.42 18.81 -1.39
C SER A 351 -2.60 19.73 -2.60
N GLY A 352 -2.01 19.33 -3.73
CA GLY A 352 -2.10 20.15 -4.92
C GLY A 352 -1.08 21.27 -4.87
N LEU A 353 -0.05 21.08 -4.06
CA LEU A 353 1.01 22.04 -3.91
C LEU A 353 2.04 21.83 -4.99
N THR A 354 2.74 22.90 -5.36
CA THR A 354 3.77 22.83 -6.39
C THR A 354 5.11 22.45 -5.78
N LYS A 355 6.03 21.97 -6.63
CA LYS A 355 7.36 21.57 -6.17
C LYS A 355 8.10 22.65 -5.41
N GLU A 356 8.02 23.89 -5.88
CA GLU A 356 8.69 25.03 -5.27
C GLU A 356 8.01 25.36 -3.96
N GLN A 357 6.71 25.11 -3.89
CA GLN A 357 5.97 25.35 -2.67
C GLN A 357 6.38 24.34 -1.61
N VAL A 358 6.50 23.06 -1.98
CA VAL A 358 6.93 22.05 -0.99
C VAL A 358 8.39 22.27 -0.61
N LEU A 359 9.17 22.86 -1.52
CA LEU A 359 10.56 23.14 -1.26
C LEU A 359 10.66 24.28 -0.26
N ARG A 360 9.86 25.31 -0.45
CA ARG A 360 9.91 26.43 0.48
C ARG A 360 9.40 26.04 1.86
N LEU A 361 8.33 25.25 1.93
CA LEU A 361 7.78 24.80 3.21
C LEU A 361 8.85 24.15 4.04
N ARG A 362 9.56 23.20 3.46
CA ARG A 362 10.62 22.54 4.18
C ARG A 362 11.75 23.49 4.57
N GLU A 363 12.38 24.06 3.56
CA GLU A 363 13.50 24.99 3.73
C GLU A 363 13.22 26.14 4.67
N GLU A 364 12.02 26.69 4.57
CA GLU A 364 11.63 27.84 5.34
C GLU A 364 10.82 27.61 6.60
N PHE A 365 10.05 26.53 6.62
CA PHE A 365 9.17 26.24 7.74
C PHE A 365 9.43 24.88 8.41
N GLY A 366 10.39 24.13 7.90
CA GLY A 366 10.66 22.83 8.48
C GLY A 366 9.50 21.84 8.34
N VAL A 367 8.56 22.12 7.44
CA VAL A 367 7.43 21.23 7.20
C VAL A 367 7.82 20.29 6.06
N TYR A 368 7.81 18.99 6.30
CA TYR A 368 8.20 18.00 5.29
C TYR A 368 7.08 17.24 4.61
N ALA A 369 6.96 17.43 3.29
CA ALA A 369 5.95 16.75 2.48
C ALA A 369 6.70 16.22 1.25
N VAL A 370 6.07 15.31 0.50
CA VAL A 370 6.69 14.74 -0.70
C VAL A 370 6.56 15.75 -1.85
N ALA A 371 7.56 15.81 -2.73
CA ALA A 371 7.59 16.76 -3.85
C ALA A 371 6.29 16.84 -4.66
N SER A 372 5.61 15.71 -4.80
CA SER A 372 4.34 15.64 -5.54
C SER A 372 3.21 16.40 -4.86
N GLY A 373 3.46 16.86 -3.64
CA GLY A 373 2.46 17.58 -2.87
C GLY A 373 1.67 16.63 -1.98
N ARG A 374 2.14 15.39 -1.83
CA ARG A 374 1.47 14.41 -0.98
C ARG A 374 1.84 14.65 0.47
N VAL A 375 0.83 14.78 1.32
CA VAL A 375 1.07 15.00 2.74
C VAL A 375 0.42 13.88 3.56
N ASN A 376 1.12 13.42 4.58
CA ASN A 376 0.60 12.37 5.47
C ASN A 376 -0.36 12.97 6.52
N VAL A 377 -1.66 12.84 6.28
CA VAL A 377 -2.69 13.33 7.19
C VAL A 377 -2.59 12.64 8.55
N ALA A 378 -2.22 11.36 8.56
CA ALA A 378 -2.08 10.59 9.80
C ALA A 378 -0.87 11.03 10.64
N GLY A 379 -0.20 12.08 10.19
CA GLY A 379 0.94 12.61 10.91
C GLY A 379 0.58 13.98 11.46
N MET A 380 -0.68 14.36 11.27
CA MET A 380 -1.16 15.64 11.78
C MET A 380 -1.83 15.42 13.13
N THR A 381 -1.50 16.30 14.08
CA THR A 381 -2.05 16.23 15.43
C THR A 381 -2.68 17.60 15.74
N PRO A 382 -3.64 17.64 16.68
CA PRO A 382 -4.30 18.90 17.03
C PRO A 382 -3.31 20.00 17.42
N ASP A 383 -2.12 19.58 17.83
CA ASP A 383 -1.09 20.51 18.24
C ASP A 383 -0.19 21.05 17.16
N ASN A 384 0.09 20.25 16.13
CA ASN A 384 0.94 20.74 15.04
C ASN A 384 0.09 21.26 13.88
N MET A 385 -1.22 21.17 14.02
CA MET A 385 -2.11 21.62 12.98
C MET A 385 -2.02 23.10 12.66
N ALA A 386 -1.85 23.93 13.69
CA ALA A 386 -1.80 25.37 13.52
C ALA A 386 -0.54 25.88 12.83
N PRO A 387 0.65 25.56 13.36
CA PRO A 387 1.86 26.05 12.69
C PRO A 387 1.98 25.49 11.27
N LEU A 388 1.46 24.28 11.09
CA LEU A 388 1.46 23.59 9.82
C LEU A 388 0.60 24.40 8.83
N CYS A 389 -0.63 24.70 9.22
CA CYS A 389 -1.52 25.48 8.36
C CYS A 389 -1.05 26.89 8.08
N GLU A 390 -0.30 27.47 9.02
CA GLU A 390 0.22 28.81 8.83
C GLU A 390 1.35 28.73 7.81
N ALA A 391 2.15 27.67 7.91
CA ALA A 391 3.24 27.48 6.98
C ALA A 391 2.67 27.42 5.57
N ILE A 392 1.69 26.56 5.39
CA ILE A 392 1.04 26.38 4.10
C ILE A 392 0.47 27.67 3.51
N VAL A 393 -0.36 28.37 4.27
CA VAL A 393 -0.96 29.60 3.78
C VAL A 393 0.07 30.64 3.36
N ALA A 394 1.18 30.73 4.08
CA ALA A 394 2.22 31.70 3.74
C ALA A 394 3.08 31.24 2.56
N VAL A 395 2.59 30.26 1.82
CA VAL A 395 3.34 29.69 0.70
C VAL A 395 2.45 29.56 -0.56
N LEU A 396 1.15 29.83 -0.37
CA LEU A 396 0.12 29.74 -1.43
C LEU A 396 0.10 30.90 -2.42
N1 PY6 B . 2.12 -0.11 -1.90
C2 PY6 B . 1.89 1.21 -1.59
C2A PY6 B . 0.81 1.78 -2.51
C3 PY6 B . 2.67 1.81 -0.53
O3 PY6 B . 2.34 3.11 -0.35
C4 PY6 B . 3.65 1.10 0.21
C4A PY6 B . 4.44 1.75 1.31
C5 PY6 B . 3.76 -0.27 -0.23
C6 PY6 B . 3.03 -0.87 -1.24
C5A PY6 B . 4.74 -1.25 0.42
O4P PY6 B . 5.21 -0.98 1.69
P PY6 B . 5.65 -2.12 2.71
O1P PY6 B . 4.65 -3.12 2.88
O2P PY6 B . 6.25 -1.37 3.85
O3P PY6 B . 6.72 -2.87 1.99
N PY6 B . 4.50 3.20 0.90
CA PY6 B . 4.76 4.08 2.08
C PY6 B . 4.79 5.52 1.61
O PY6 B . 3.74 5.79 0.83
CB PY6 B . 6.05 3.69 2.79
CG PY6 B . 7.30 3.70 1.91
CD PY6 B . 8.48 3.02 2.59
CE PY6 B . 8.45 1.51 2.51
OXT PY6 B . 5.73 6.36 1.91
#